data_7T7Z
#
_entry.id   7T7Z
#
_cell.length_a   36.739
_cell.length_b   47.270
_cell.length_c   79.449
_cell.angle_alpha   90.000
_cell.angle_beta   90.000
_cell.angle_gamma   90.000
#
_symmetry.space_group_name_H-M   'P 2 21 21'
#
loop_
_entity.id
_entity.type
_entity.pdbx_description
1 polymer Endoglucanase
2 non-polymer 1,2-ETHANEDIOL
3 non-polymer 'SODIUM ION'
4 non-polymer '(2S)-2-hydroxybutanedioic acid'
5 water water
#
_entity_poly.entity_id   1
_entity_poly.type   'polypeptide(L)'
_entity_poly.pdbx_seq_one_letter_code
;GAMGESLSIYKSGLKNDFQDWSWGEHSLTDTTNVESGETNSISFTPKAYGAVFLGCFECIDTDTYNNIEFDINGGSSGAQ
LLRITVVKNSKSVGSKLITDLNGGTPIEANSWTKIKASFIDDFKVSGKVDGIWIQDIKGDTQSTVYISNIIATA
;
_entity_poly.pdbx_strand_id   A
#
# COMPACT_ATOMS: atom_id res chain seq x y z
N GLY A 1 -5.15 -26.34 4.35
CA GLY A 1 -6.32 -25.51 4.10
C GLY A 1 -6.45 -25.10 2.66
N ALA A 2 -7.62 -25.34 2.07
CA ALA A 2 -7.86 -24.98 0.68
C ALA A 2 -8.01 -23.48 0.49
N MET A 3 -8.35 -22.74 1.55
CA MET A 3 -8.42 -21.29 1.47
C MET A 3 -7.06 -20.71 1.12
N GLY A 4 -7.06 -19.67 0.29
CA GLY A 4 -5.82 -19.04 -0.09
C GLY A 4 -5.15 -18.38 1.10
N GLU A 5 -3.82 -18.49 1.14
CA GLU A 5 -3.04 -17.90 2.22
C GLU A 5 -3.10 -16.37 2.16
N SER A 6 -2.86 -15.75 3.32
CA SER A 6 -2.72 -14.31 3.39
C SER A 6 -1.72 -13.96 4.49
N LEU A 7 -1.08 -12.81 4.32
CA LEU A 7 -0.03 -12.35 5.24
C LEU A 7 -0.28 -10.90 5.55
N SER A 8 -0.69 -10.62 6.79
CA SER A 8 -0.97 -9.25 7.20
C SER A 8 0.30 -8.43 7.30
N ILE A 9 0.29 -7.24 6.72
CA ILE A 9 1.41 -6.31 6.77
C ILE A 9 1.12 -5.14 7.70
N TYR A 10 -0.07 -4.56 7.58
CA TYR A 10 -0.54 -3.56 8.52
C TYR A 10 -2.02 -3.82 8.76
N LYS A 11 -2.39 -4.06 10.02
CA LYS A 11 -3.78 -4.23 10.42
C LYS A 11 -3.89 -3.56 11.78
N SER A 12 -4.23 -2.27 11.77
CA SER A 12 -4.19 -1.43 12.97
C SER A 12 -2.82 -1.52 13.66
N GLY A 13 -1.78 -1.61 12.85
CA GLY A 13 -0.42 -1.77 13.35
C GLY A 13 0.36 -2.70 12.45
N LEU A 14 1.68 -2.55 12.48
CA LEU A 14 2.54 -3.40 11.68
C LEU A 14 2.50 -4.84 12.19
N LYS A 15 2.51 -5.79 11.25
CA LYS A 15 2.40 -7.20 11.58
C LYS A 15 3.48 -7.96 10.85
N ASN A 16 3.72 -9.18 11.34
CA ASN A 16 4.59 -10.16 10.65
C ASN A 16 5.97 -9.60 10.36
N ASP A 17 6.49 -8.81 11.30
CA ASP A 17 7.86 -8.28 11.27
C ASP A 17 8.07 -7.20 10.23
N PHE A 18 7.00 -6.67 9.63
CA PHE A 18 7.20 -5.60 8.66
C PHE A 18 7.61 -4.32 9.37
N GLN A 19 8.51 -3.59 8.73
CA GLN A 19 9.15 -2.41 9.32
C GLN A 19 8.73 -1.17 8.56
N ASP A 20 8.71 -0.04 9.27
CA ASP A 20 8.35 1.24 8.69
C ASP A 20 9.61 1.90 8.16
N TRP A 21 9.84 1.78 6.85
CA TRP A 21 10.97 2.40 6.18
C TRP A 21 10.57 3.67 5.43
N SER A 22 9.43 4.26 5.79
CA SER A 22 8.89 5.41 5.07
C SER A 22 9.82 6.61 5.17
N TRP A 23 9.81 7.42 4.12
CA TRP A 23 10.48 8.71 4.14
C TRP A 23 9.54 9.90 4.03
N GLY A 24 8.26 9.67 3.76
CA GLY A 24 7.30 10.75 3.76
C GLY A 24 6.70 10.99 5.13
N GLU A 25 6.09 12.16 5.28
CA GLU A 25 5.41 12.46 6.53
C GLU A 25 4.16 11.61 6.64
N HIS A 26 4.01 10.92 7.77
CA HIS A 26 2.94 9.94 7.92
C HIS A 26 2.84 9.57 9.39
N SER A 27 1.74 8.92 9.75
CA SER A 27 1.58 8.34 11.07
C SER A 27 1.02 6.93 10.93
N LEU A 28 1.58 5.99 11.69
CA LEU A 28 1.05 4.65 11.75
C LEU A 28 -0.11 4.49 12.71
N THR A 29 -0.48 5.54 13.43
CA THR A 29 -1.48 5.45 14.49
C THR A 29 -2.56 6.52 14.33
N ASP A 30 -2.95 6.80 13.09
CA ASP A 30 -4.02 7.75 12.87
C ASP A 30 -5.33 7.20 13.42
N THR A 31 -6.07 8.06 14.13
CA THR A 31 -7.37 7.69 14.67
C THR A 31 -8.48 8.58 14.11
N THR A 32 -8.20 9.42 13.12
CA THR A 32 -9.22 10.30 12.57
C THR A 32 -10.03 9.68 11.44
N ASN A 33 -9.47 8.71 10.72
CA ASN A 33 -10.19 8.03 9.64
C ASN A 33 -9.78 6.56 9.71
N VAL A 34 -10.65 5.73 10.28
CA VAL A 34 -10.35 4.34 10.61
C VAL A 34 -11.51 3.48 10.13
N GLU A 35 -11.19 2.37 9.47
CA GLU A 35 -12.23 1.45 9.05
C GLU A 35 -12.95 0.87 10.26
N SER A 36 -14.24 0.60 10.09
CA SER A 36 -14.96 -0.12 11.13
C SER A 36 -14.28 -1.46 11.41
N GLY A 37 -14.25 -1.84 12.68
CA GLY A 37 -13.52 -3.04 13.04
C GLY A 37 -12.01 -2.89 13.11
N GLU A 38 -11.47 -1.71 12.80
CA GLU A 38 -10.08 -1.39 13.05
C GLU A 38 -9.98 -0.31 14.12
N THR A 39 -8.76 -0.11 14.62
CA THR A 39 -8.49 0.93 15.61
C THR A 39 -7.55 2.02 15.11
N ASN A 40 -6.75 1.76 14.08
CA ASN A 40 -5.84 2.76 13.55
C ASN A 40 -5.73 2.59 12.04
N SER A 41 -5.30 3.67 11.40
CA SER A 41 -4.92 3.65 10.01
C SER A 41 -3.56 4.33 9.86
N ILE A 42 -2.92 4.13 8.71
CA ILE A 42 -1.75 4.92 8.34
C ILE A 42 -2.25 6.16 7.63
N SER A 43 -1.97 7.34 8.17
CA SER A 43 -2.26 8.56 7.44
C SER A 43 -0.99 9.04 6.75
N PHE A 44 -1.15 9.60 5.56
CA PHE A 44 -0.03 9.99 4.72
C PHE A 44 -0.47 11.20 3.93
N THR A 45 0.20 12.34 4.13
CA THR A 45 -0.05 13.52 3.32
C THR A 45 0.93 13.48 2.16
N PRO A 46 0.49 13.14 0.94
CA PRO A 46 1.44 12.99 -0.17
C PRO A 46 2.00 14.34 -0.58
N LYS A 47 3.32 14.47 -0.50
CA LYS A 47 3.98 15.72 -0.87
C LYS A 47 5.46 15.45 -1.02
N ALA A 48 6.13 16.27 -1.83
CA ALA A 48 7.58 16.25 -1.97
C ALA A 48 8.12 14.87 -2.31
N TYR A 49 7.31 14.05 -2.98
CA TYR A 49 7.71 12.72 -3.43
C TYR A 49 8.02 11.78 -2.27
N GLY A 50 7.46 12.07 -1.10
CA GLY A 50 7.58 11.17 0.03
C GLY A 50 6.78 9.90 -0.19
N ALA A 51 7.04 8.90 0.66
CA ALA A 51 6.37 7.62 0.49
C ALA A 51 6.19 6.93 1.83
N VAL A 52 5.14 6.13 1.91
CA VAL A 52 4.99 5.13 2.95
C VAL A 52 5.59 3.84 2.40
N PHE A 53 6.61 3.32 3.08
CA PHE A 53 7.41 2.19 2.60
C PHE A 53 7.45 1.18 3.73
N LEU A 54 6.80 0.04 3.54
CA LEU A 54 6.77 -1.02 4.53
C LEU A 54 7.62 -2.17 4.01
N GLY A 55 8.62 -2.55 4.78
CA GLY A 55 9.66 -3.44 4.28
C GLY A 55 9.86 -4.64 5.18
N CYS A 56 10.30 -5.72 4.56
CA CYS A 56 10.63 -6.95 5.27
C CYS A 56 11.46 -7.75 4.27
N PHE A 57 12.77 -7.80 4.51
CA PHE A 57 13.71 -8.34 3.54
C PHE A 57 13.31 -9.76 3.16
N GLU A 58 13.02 -9.96 1.87
CA GLU A 58 12.70 -11.27 1.30
C GLU A 58 11.53 -11.97 2.01
N CYS A 59 10.63 -11.21 2.62
CA CYS A 59 9.60 -11.83 3.45
C CYS A 59 8.40 -12.30 2.64
N ILE A 60 8.13 -11.69 1.49
CA ILE A 60 6.99 -12.07 0.65
C ILE A 60 7.53 -12.89 -0.51
N ASP A 61 7.29 -14.20 -0.48
CA ASP A 61 7.68 -15.07 -1.58
C ASP A 61 6.48 -15.25 -2.49
N THR A 62 6.64 -14.93 -3.78
CA THR A 62 5.52 -15.10 -4.69
C THR A 62 5.16 -16.56 -4.93
N ASP A 63 5.98 -17.51 -4.47
CA ASP A 63 5.53 -18.91 -4.47
C ASP A 63 4.44 -19.17 -3.43
N THR A 64 4.12 -18.17 -2.62
CA THR A 64 3.09 -18.25 -1.59
C THR A 64 2.01 -17.20 -1.74
N TYR A 65 2.35 -16.00 -2.23
CA TYR A 65 1.39 -14.90 -2.37
C TYR A 65 1.46 -14.32 -3.77
N ASN A 66 0.30 -14.20 -4.41
CA ASN A 66 0.22 -13.66 -5.76
C ASN A 66 0.05 -12.16 -5.80
N ASN A 67 -0.46 -11.53 -4.73
CA ASN A 67 -0.90 -10.16 -4.80
C ASN A 67 -0.50 -9.38 -3.56
N ILE A 68 -0.45 -8.07 -3.72
CA ILE A 68 -0.40 -7.12 -2.60
C ILE A 68 -1.68 -6.30 -2.63
N GLU A 69 -2.29 -6.13 -1.46
CA GLU A 69 -3.57 -5.43 -1.38
C GLU A 69 -3.55 -4.46 -0.21
N PHE A 70 -4.38 -3.42 -0.32
CA PHE A 70 -4.58 -2.50 0.78
C PHE A 70 -5.89 -1.75 0.57
N ASP A 71 -6.43 -1.25 1.66
CA ASP A 71 -7.57 -0.36 1.59
C ASP A 71 -7.06 1.07 1.71
N ILE A 72 -7.60 1.97 0.90
CA ILE A 72 -7.20 3.36 0.94
C ILE A 72 -8.43 4.25 1.00
N ASN A 73 -8.33 5.33 1.77
CA ASN A 73 -9.39 6.32 1.87
C ASN A 73 -8.84 7.62 1.28
N GLY A 74 -9.53 8.15 0.26
CA GLY A 74 -9.10 9.37 -0.40
C GLY A 74 -9.23 10.63 0.41
N GLY A 75 -9.78 10.56 1.62
CA GLY A 75 -9.87 11.75 2.43
C GLY A 75 -10.72 12.83 1.78
N SER A 76 -10.34 14.09 2.03
CA SER A 76 -11.20 15.21 1.65
C SER A 76 -11.39 15.31 0.14
N SER A 77 -10.32 15.12 -0.62
CA SER A 77 -10.33 15.35 -2.05
C SER A 77 -10.49 14.08 -2.88
N GLY A 78 -9.96 12.96 -2.41
CA GLY A 78 -9.80 11.83 -3.30
C GLY A 78 -8.87 12.21 -4.46
N ALA A 79 -8.82 11.29 -5.43
CA ALA A 79 -8.15 11.53 -6.71
C ALA A 79 -6.66 11.82 -6.58
N GLN A 80 -6.02 11.31 -5.52
CA GLN A 80 -4.60 11.56 -5.35
C GLN A 80 -3.78 10.84 -6.40
N LEU A 81 -2.68 11.48 -6.79
CA LEU A 81 -1.73 10.90 -7.74
C LEU A 81 -0.64 10.19 -6.95
N LEU A 82 -0.67 8.86 -7.00
CA LEU A 82 0.21 8.03 -6.19
C LEU A 82 0.70 6.89 -7.07
N ARG A 83 1.93 6.47 -6.81
CA ARG A 83 2.47 5.28 -7.45
C ARG A 83 2.75 4.23 -6.38
N ILE A 84 2.47 2.98 -6.74
CA ILE A 84 2.75 1.82 -5.88
C ILE A 84 3.92 1.09 -6.50
N THR A 85 4.95 0.86 -5.70
CA THR A 85 6.21 0.28 -6.17
C THR A 85 6.51 -0.98 -5.36
N VAL A 86 7.00 -2.01 -6.04
CA VAL A 86 7.43 -3.24 -5.39
C VAL A 86 8.96 -3.25 -5.40
N VAL A 87 9.55 -3.74 -4.31
CA VAL A 87 10.99 -3.78 -4.14
C VAL A 87 11.45 -5.23 -4.12
N LYS A 88 12.48 -5.55 -4.91
CA LYS A 88 13.08 -6.87 -4.95
C LYS A 88 14.58 -6.69 -5.09
N ASN A 89 15.34 -7.52 -4.37
CA ASN A 89 16.79 -7.40 -4.34
C ASN A 89 17.22 -5.97 -4.01
N SER A 90 16.53 -5.36 -3.06
CA SER A 90 16.86 -4.06 -2.51
C SER A 90 16.67 -2.91 -3.50
N LYS A 91 15.95 -3.14 -4.61
CA LYS A 91 15.74 -2.11 -5.62
C LYS A 91 14.29 -2.14 -6.08
N SER A 92 13.78 -0.96 -6.44
CA SER A 92 12.47 -0.88 -7.05
C SER A 92 12.49 -1.59 -8.40
N VAL A 93 11.50 -2.44 -8.64
CA VAL A 93 11.47 -3.25 -9.86
C VAL A 93 10.23 -3.00 -10.70
N GLY A 94 9.34 -2.12 -10.28
CA GLY A 94 8.16 -1.83 -11.06
C GLY A 94 7.18 -0.96 -10.30
N SER A 95 6.43 -0.13 -11.01
CA SER A 95 5.46 0.77 -10.39
C SER A 95 4.17 0.79 -11.18
N LYS A 96 3.08 1.08 -10.48
CA LYS A 96 1.77 1.27 -11.08
C LYS A 96 1.10 2.49 -10.44
N LEU A 97 0.36 3.24 -11.24
CA LEU A 97 -0.43 4.33 -10.66
C LEU A 97 -1.61 3.75 -9.88
N ILE A 98 -1.94 4.38 -8.76
CA ILE A 98 -3.06 3.89 -7.98
C ILE A 98 -4.37 3.99 -8.77
N THR A 99 -4.51 5.04 -9.59
CA THR A 99 -5.71 5.17 -10.42
C THR A 99 -5.81 4.00 -11.39
N ASP A 100 -4.67 3.56 -11.93
CA ASP A 100 -4.66 2.41 -12.81
CA ASP A 100 -4.65 2.39 -12.81
C ASP A 100 -5.11 1.16 -12.07
N LEU A 101 -4.55 0.91 -10.89
CA LEU A 101 -4.91 -0.27 -10.11
C LEU A 101 -6.38 -0.23 -9.74
N ASN A 102 -6.95 0.98 -9.63
CA ASN A 102 -8.35 1.18 -9.31
C ASN A 102 -9.24 1.16 -10.54
N GLY A 103 -8.85 0.42 -11.58
CA GLY A 103 -9.66 0.31 -12.78
C GLY A 103 -9.76 1.56 -13.62
N GLY A 104 -8.84 2.49 -13.46
CA GLY A 104 -8.89 3.75 -14.17
C GLY A 104 -9.69 4.85 -13.50
N THR A 105 -10.21 4.59 -12.30
CA THR A 105 -11.02 5.55 -11.57
C THR A 105 -10.17 6.20 -10.49
N PRO A 106 -10.11 7.52 -10.39
CA PRO A 106 -9.42 8.13 -9.25
C PRO A 106 -10.06 7.70 -7.95
N ILE A 107 -9.24 7.55 -6.91
CA ILE A 107 -9.77 7.02 -5.65
C ILE A 107 -10.80 7.98 -5.08
N GLU A 108 -11.89 7.43 -4.58
CA GLU A 108 -13.01 8.24 -4.13
C GLU A 108 -12.66 8.96 -2.83
N ALA A 109 -13.23 10.15 -2.68
CA ALA A 109 -13.06 10.90 -1.45
C ALA A 109 -13.87 10.30 -0.33
N ASN A 110 -13.37 10.43 0.89
CA ASN A 110 -14.15 10.21 2.12
C ASN A 110 -14.78 8.82 2.17
N SER A 111 -14.08 7.81 1.64
CA SER A 111 -14.57 6.44 1.67
C SER A 111 -13.41 5.50 1.42
N TRP A 112 -13.59 4.24 1.83
CA TRP A 112 -12.52 3.25 1.72
C TRP A 112 -12.67 2.45 0.44
N THR A 113 -11.54 2.26 -0.25
CA THR A 113 -11.47 1.56 -1.54
C THR A 113 -10.44 0.46 -1.43
N LYS A 114 -10.81 -0.75 -1.87
CA LYS A 114 -9.85 -1.84 -1.95
C LYS A 114 -8.97 -1.66 -3.19
N ILE A 115 -7.65 -1.74 -2.98
CA ILE A 115 -6.68 -1.71 -4.07
C ILE A 115 -5.94 -3.03 -4.08
N LYS A 116 -5.87 -3.66 -5.25
CA LYS A 116 -5.20 -4.95 -5.39
C LYS A 116 -4.27 -4.88 -6.60
N ALA A 117 -3.05 -5.41 -6.43
CA ALA A 117 -2.10 -5.51 -7.53
C ALA A 117 -1.52 -6.92 -7.54
N SER A 118 -1.44 -7.48 -8.75
CA SER A 118 -0.86 -8.81 -8.94
C SER A 118 0.63 -8.65 -9.19
N PHE A 119 1.44 -9.39 -8.44
CA PHE A 119 2.88 -9.31 -8.62
C PHE A 119 3.27 -9.60 -10.07
N ILE A 120 2.73 -10.68 -10.65
CA ILE A 120 3.11 -11.05 -12.01
C ILE A 120 2.39 -10.19 -13.05
N ASP A 121 1.08 -9.96 -12.87
CA ASP A 121 0.29 -9.30 -13.91
C ASP A 121 0.59 -7.82 -13.96
N ASP A 122 0.76 -7.19 -12.80
CA ASP A 122 0.90 -5.73 -12.74
C ASP A 122 2.35 -5.29 -12.64
N PHE A 123 3.23 -6.10 -12.03
CA PHE A 123 4.61 -5.70 -11.83
C PHE A 123 5.60 -6.58 -12.59
N LYS A 124 5.16 -7.68 -13.18
CA LYS A 124 6.05 -8.61 -13.87
C LYS A 124 7.17 -9.10 -12.94
N VAL A 125 6.87 -9.19 -11.65
CA VAL A 125 7.83 -9.60 -10.65
C VAL A 125 7.42 -10.94 -10.07
N SER A 126 8.43 -11.73 -9.69
CA SER A 126 8.24 -12.98 -8.98
C SER A 126 9.48 -13.23 -8.14
N GLY A 127 9.45 -14.30 -7.36
CA GLY A 127 10.51 -14.56 -6.41
C GLY A 127 10.23 -13.91 -5.08
N LYS A 128 11.27 -13.48 -4.37
CA LYS A 128 11.11 -12.90 -3.05
C LYS A 128 11.09 -11.37 -3.13
N VAL A 129 10.04 -10.78 -2.54
CA VAL A 129 9.82 -9.33 -2.55
C VAL A 129 10.22 -8.78 -1.18
N ASP A 130 10.88 -7.62 -1.18
CA ASP A 130 11.41 -7.01 0.03
C ASP A 130 10.48 -5.96 0.65
N GLY A 131 9.48 -5.50 -0.07
CA GLY A 131 8.60 -4.49 0.47
C GLY A 131 7.79 -3.81 -0.62
N ILE A 132 6.92 -2.91 -0.19
CA ILE A 132 6.02 -2.16 -1.05
CA ILE A 132 6.09 -2.14 -1.09
C ILE A 132 6.04 -0.71 -0.59
N TRP A 133 5.98 0.23 -1.53
CA TRP A 133 5.82 1.62 -1.13
C TRP A 133 4.71 2.31 -1.91
N ILE A 134 4.14 3.32 -1.28
CA ILE A 134 3.07 4.14 -1.84
C ILE A 134 3.59 5.57 -1.82
N GLN A 135 3.82 6.15 -2.99
CA GLN A 135 4.62 7.35 -3.12
C GLN A 135 3.85 8.49 -3.80
N ASP A 136 4.02 9.70 -3.26
CA ASP A 136 3.55 10.90 -3.94
C ASP A 136 4.30 11.09 -5.24
N ILE A 137 3.56 11.38 -6.31
CA ILE A 137 4.18 11.73 -7.59
C ILE A 137 3.85 13.14 -8.04
N LYS A 138 3.13 13.91 -7.23
CA LYS A 138 2.76 15.28 -7.58
C LYS A 138 3.78 16.31 -7.12
N GLY A 139 4.45 16.08 -6.00
CA GLY A 139 5.35 17.07 -5.45
C GLY A 139 4.59 18.10 -4.63
N ASP A 140 3.72 18.85 -5.29
CA ASP A 140 2.82 19.75 -4.59
C ASP A 140 1.97 18.96 -3.59
N THR A 141 1.62 19.62 -2.48
CA THR A 141 0.91 18.93 -1.41
C THR A 141 -0.45 18.45 -1.86
N GLN A 142 -0.75 17.19 -1.61
CA GLN A 142 -2.05 16.59 -1.86
C GLN A 142 -2.76 16.35 -0.53
N SER A 143 -4.07 16.24 -0.60
CA SER A 143 -4.85 15.97 0.60
C SER A 143 -4.50 14.60 1.17
N THR A 144 -4.52 14.52 2.49
CA THR A 144 -4.10 13.33 3.21
C THR A 144 -4.92 12.10 2.81
N VAL A 145 -4.24 10.97 2.67
CA VAL A 145 -4.88 9.68 2.45
C VAL A 145 -4.69 8.81 3.68
N TYR A 146 -5.50 7.76 3.76
CA TYR A 146 -5.46 6.83 4.88
C TYR A 146 -5.37 5.41 4.30
N ILE A 147 -4.50 4.60 4.89
CA ILE A 147 -4.18 3.26 4.41
C ILE A 147 -4.41 2.26 5.53
N SER A 148 -5.02 1.12 5.18
CA SER A 148 -5.47 0.17 6.18
C SER A 148 -5.47 -1.22 5.55
N ASN A 149 -5.35 -2.24 6.40
CA ASN A 149 -5.48 -3.63 5.96
CA ASN A 149 -5.48 -3.63 5.96
C ASN A 149 -4.56 -3.94 4.78
N ILE A 150 -3.28 -3.64 4.94
CA ILE A 150 -2.28 -4.00 3.93
C ILE A 150 -1.98 -5.49 4.11
N ILE A 151 -2.06 -6.24 3.03
CA ILE A 151 -2.02 -7.70 3.13
C ILE A 151 -1.51 -8.28 1.82
N ALA A 152 -0.67 -9.31 1.93
CA ALA A 152 -0.27 -10.11 0.77
C ALA A 152 -1.18 -11.33 0.71
N THR A 153 -1.59 -11.70 -0.50
CA THR A 153 -2.62 -12.72 -0.66
C THR A 153 -2.28 -13.69 -1.78
N ALA A 154 -2.65 -14.96 -1.58
CA ALA A 154 -2.66 -15.93 -2.65
C ALA A 154 -3.87 -15.69 -3.54
#